data_3F2K
#
_entry.id   3F2K
#
_cell.length_a   158.826
_cell.length_b   46.521
_cell.length_c   61.748
_cell.angle_alpha   90.00
_cell.angle_beta   92.04
_cell.angle_gamma   90.00
#
_symmetry.space_group_name_H-M   'C 1 2 1'
#
loop_
_entity.id
_entity.type
_entity.pdbx_description
1 polymer 'Histone-lysine N-methyltransferase SETMAR'
2 polymer 'LYFA Peptide'
3 non-polymer 'MAGNESIUM ION'
4 water water
#
loop_
_entity_poly.entity_id
_entity_poly.type
_entity_poly.pdbx_seq_one_letter_code
_entity_poly.pdbx_strand_id
1 'polypeptide(L)'
;WVPHELTENQKNRRFEVSSSLILRNHNEPFLDRIVTCDEKWILYDNRRRSAQWLDQEEAPKHFPKPILHPKKV(MSE)VT
IWWSAAGLIHYSFLNPGETITSEKYAQEIDE(MSE)NQKLQRLQLALVNRKGPILLHDNARPHVAQPTLQKLNELGYEVL
PHPPYSPDLLPTNYHVFKHLNNFLQGKRFHNQQDAENAFQEFVESQSTDFYATGINQLISRWQKCVDCNGSYFD
;
A,B
2 'polypeptide(L)' LYFA C
#
loop_
_chem_comp.id
_chem_comp.type
_chem_comp.name
_chem_comp.formula
MG non-polymer 'MAGNESIUM ION' 'Mg 2'
#
# COMPACT_ATOMS: atom_id res chain seq x y z
N HIS A 4 -19.06 -11.77 3.62
CA HIS A 4 -18.73 -10.57 4.47
C HIS A 4 -19.52 -9.29 4.16
N GLU A 5 -19.93 -8.60 5.24
CA GLU A 5 -20.74 -7.40 5.09
C GLU A 5 -19.78 -6.25 5.36
N LEU A 6 -19.51 -5.48 4.32
CA LEU A 6 -18.47 -4.46 4.47
C LEU A 6 -18.94 -3.32 5.38
N THR A 7 -18.08 -2.88 6.31
CA THR A 7 -18.40 -1.69 7.13
C THR A 7 -18.07 -0.43 6.33
N GLU A 8 -18.41 0.76 6.84
CA GLU A 8 -18.05 1.98 6.08
C GLU A 8 -16.53 2.16 5.99
N ASN A 9 -15.81 1.85 7.07
N ASN A 9 -15.81 1.85 7.08
CA ASN A 9 -14.35 2.01 7.01
CA ASN A 9 -14.36 2.01 7.05
C ASN A 9 -13.72 1.06 5.98
C ASN A 9 -13.67 1.04 6.05
N GLN A 10 -14.20 -0.18 5.94
CA GLN A 10 -13.73 -1.16 4.95
C GLN A 10 -14.00 -0.76 3.50
N LYS A 11 -15.17 -0.22 3.24
CA LYS A 11 -15.43 0.32 1.88
C LYS A 11 -14.52 1.48 1.54
N ASN A 12 -14.35 2.35 2.54
CA ASN A 12 -13.40 3.49 2.36
C ASN A 12 -11.98 3.04 2.01
N ARG A 13 -11.45 2.08 2.77
CA ARG A 13 -10.14 1.52 2.46
C ARG A 13 -10.06 0.91 1.05
N ARG A 14 -11.08 0.14 0.66
CA ARG A 14 -11.17 -0.44 -0.70
C ARG A 14 -11.17 0.65 -1.74
N PHE A 15 -11.94 1.71 -1.48
CA PHE A 15 -12.06 2.77 -2.47
C PHE A 15 -10.71 3.49 -2.59
N GLU A 16 -10.09 3.80 -1.44
CA GLU A 16 -8.84 4.54 -1.37
C GLU A 16 -7.75 3.77 -2.13
N VAL A 17 -7.59 2.52 -1.78
CA VAL A 17 -6.54 1.67 -2.44
C VAL A 17 -6.80 1.48 -3.92
N SER A 18 -8.04 1.21 -4.29
CA SER A 18 -8.42 1.08 -5.70
C SER A 18 -8.11 2.30 -6.51
N SER A 19 -8.60 3.45 -6.03
CA SER A 19 -8.41 4.70 -6.75
C SER A 19 -6.90 5.02 -6.91
N SER A 20 -6.15 4.81 -5.85
CA SER A 20 -4.70 5.12 -5.81
C SER A 20 -3.94 4.22 -6.74
N LEU A 21 -4.32 2.95 -6.83
CA LEU A 21 -3.65 1.98 -7.71
C LEU A 21 -3.95 2.19 -9.17
N ILE A 22 -5.18 2.56 -9.48
CA ILE A 22 -5.47 2.92 -10.86
C ILE A 22 -4.61 4.12 -11.30
N LEU A 23 -4.56 5.19 -10.51
CA LEU A 23 -3.73 6.37 -10.83
C LEU A 23 -2.24 6.03 -10.89
N ARG A 24 -1.76 5.24 -9.91
CA ARG A 24 -0.37 4.79 -9.97
C ARG A 24 -0.03 4.07 -11.30
N ASN A 25 -0.85 3.11 -11.69
CA ASN A 25 -0.58 2.39 -12.92
C ASN A 25 -0.69 3.32 -14.15
N HIS A 26 -1.59 4.28 -14.11
CA HIS A 26 -1.67 5.23 -15.26
C HIS A 26 -0.37 6.08 -15.34
N ASN A 27 0.07 6.55 -14.19
CA ASN A 27 1.27 7.34 -14.06
C ASN A 27 2.53 6.59 -14.43
N GLU A 28 2.66 5.37 -13.93
CA GLU A 28 3.81 4.54 -14.19
C GLU A 28 3.39 3.08 -14.13
N PRO A 29 3.03 2.49 -15.28
CA PRO A 29 2.50 1.12 -15.34
C PRO A 29 3.45 0.16 -14.64
N PHE A 30 2.86 -0.66 -13.77
CA PHE A 30 3.61 -1.63 -12.98
C PHE A 30 3.02 -3.07 -12.96
N LEU A 31 1.92 -3.30 -13.69
CA LEU A 31 1.32 -4.67 -13.67
C LEU A 31 2.28 -5.79 -13.99
N ASP A 32 3.18 -5.54 -14.95
CA ASP A 32 4.21 -6.49 -15.39
C ASP A 32 5.19 -6.91 -14.29
N ARG A 33 5.31 -6.09 -13.24
CA ARG A 33 6.24 -6.39 -12.14
C ARG A 33 5.52 -7.11 -10.99
N ILE A 34 4.21 -7.29 -11.11
CA ILE A 34 3.49 -7.96 -9.98
C ILE A 34 3.74 -9.45 -9.90
N VAL A 35 4.07 -9.91 -8.70
CA VAL A 35 4.03 -11.31 -8.31
C VAL A 35 2.85 -11.38 -7.32
N THR A 36 2.02 -12.39 -7.43
CA THR A 36 0.90 -12.49 -6.56
C THR A 36 0.67 -13.92 -6.07
N CYS A 37 -0.06 -14.04 -4.96
N CYS A 37 -0.04 -14.03 -4.94
CA CYS A 37 -0.25 -15.36 -4.38
CA CYS A 37 -0.24 -15.36 -4.36
C CYS A 37 -1.48 -15.40 -3.53
C CYS A 37 -1.37 -15.40 -3.36
N ASP A 38 -1.83 -16.62 -3.12
CA ASP A 38 -2.85 -16.87 -2.13
C ASP A 38 -2.77 -18.34 -1.74
N GLU A 39 -3.39 -18.58 -0.62
CA GLU A 39 -3.51 -19.94 -0.03
C GLU A 39 -4.94 -20.41 -0.31
N LYS A 40 -5.06 -21.71 -0.57
CA LYS A 40 -6.39 -22.34 -0.59
C LYS A 40 -6.36 -23.78 -0.02
N TRP A 41 -7.35 -24.11 0.78
CA TRP A 41 -7.61 -25.52 1.09
C TRP A 41 -8.34 -26.28 -0.04
N ILE A 42 -7.68 -27.30 -0.55
CA ILE A 42 -8.23 -28.15 -1.60
C ILE A 42 -8.80 -29.41 -0.87
N LEU A 43 -10.12 -29.54 -0.93
CA LEU A 43 -10.82 -30.69 -0.35
C LEU A 43 -10.54 -31.94 -1.16
N TYR A 44 -10.52 -33.07 -0.48
CA TYR A 44 -10.31 -34.34 -1.14
C TYR A 44 -11.56 -34.76 -1.91
N ASP A 45 -12.74 -34.46 -1.32
CA ASP A 45 -14.05 -34.79 -1.90
C ASP A 45 -14.77 -33.54 -2.37
N ASN A 46 -14.87 -33.38 -3.68
CA ASN A 46 -15.46 -32.18 -4.28
C ASN A 46 -16.91 -32.28 -4.90
N ARG A 47 -17.75 -33.23 -4.43
CA ARG A 47 -19.07 -33.42 -5.09
C ARG A 47 -20.09 -32.31 -4.78
N HIS A 69 -12.39 -34.81 10.61
CA HIS A 69 -13.32 -34.23 9.60
C HIS A 69 -12.81 -34.40 8.15
N PRO A 70 -13.51 -33.76 7.15
CA PRO A 70 -13.11 -33.94 5.73
C PRO A 70 -11.65 -33.67 5.48
N LYS A 71 -11.01 -34.54 4.73
CA LYS A 71 -9.61 -34.33 4.45
C LYS A 71 -9.44 -33.19 3.41
N LYS A 72 -8.29 -32.52 3.52
CA LYS A 72 -7.96 -31.34 2.71
C LYS A 72 -6.46 -31.17 2.73
N VAL A 73 -5.93 -30.44 1.74
CA VAL A 73 -4.53 -30.09 1.74
C VAL A 73 -4.50 -28.62 1.32
N MSE A 74 -3.66 -27.83 1.98
CA MSE A 74 -3.43 -26.43 1.57
C MSE A 74 -2.39 -26.27 0.50
O MSE A 74 -1.29 -26.79 0.60
CB MSE A 74 -3.05 -25.58 2.78
CG MSE A 74 -2.94 -24.12 2.46
SE MSE A 74 -2.55 -23.18 4.14
CE MSE A 74 -0.69 -22.74 3.80
N VAL A 75 -2.74 -25.49 -0.51
CA VAL A 75 -1.79 -25.12 -1.59
C VAL A 75 -1.58 -23.60 -1.53
N THR A 76 -0.40 -23.17 -1.93
CA THR A 76 -0.04 -21.78 -2.10
C THR A 76 0.53 -21.76 -3.53
N ILE A 77 0.03 -20.82 -4.31
CA ILE A 77 0.49 -20.60 -5.68
C ILE A 77 0.97 -19.17 -5.83
N TRP A 78 2.09 -19.03 -6.52
CA TRP A 78 2.73 -17.79 -6.79
C TRP A 78 2.87 -17.65 -8.30
N TRP A 79 2.55 -16.46 -8.79
CA TRP A 79 2.56 -16.23 -10.26
C TRP A 79 2.57 -14.75 -10.65
N SER A 80 2.93 -14.50 -11.92
CA SER A 80 2.83 -13.16 -12.48
C SER A 80 2.11 -13.23 -13.85
N ALA A 81 2.00 -12.08 -14.51
CA ALA A 81 1.39 -12.04 -15.83
C ALA A 81 2.20 -12.91 -16.81
N ALA A 82 3.49 -13.14 -16.53
CA ALA A 82 4.30 -13.91 -17.42
C ALA A 82 4.05 -15.41 -17.30
N GLY A 83 3.50 -15.82 -16.13
CA GLY A 83 3.23 -17.21 -15.84
C GLY A 83 3.36 -17.69 -14.41
N LEU A 84 3.24 -19.03 -14.30
CA LEU A 84 3.36 -19.73 -13.02
C LEU A 84 4.82 -19.61 -12.56
N ILE A 85 5.01 -19.24 -11.28
CA ILE A 85 6.35 -19.12 -10.66
C ILE A 85 6.64 -20.34 -9.75
N HIS A 86 5.76 -20.57 -8.80
CA HIS A 86 6.05 -21.54 -7.71
C HIS A 86 4.71 -21.96 -7.12
N TYR A 87 4.60 -23.22 -6.73
CA TYR A 87 3.47 -23.62 -5.85
C TYR A 87 3.93 -24.70 -4.89
N SER A 88 3.21 -24.89 -3.80
CA SER A 88 3.73 -25.83 -2.78
C SER A 88 2.52 -26.30 -1.99
N PHE A 89 2.65 -27.47 -1.42
CA PHE A 89 1.56 -28.04 -0.59
C PHE A 89 2.09 -28.16 0.82
N LEU A 90 1.24 -27.82 1.79
CA LEU A 90 1.60 -27.91 3.20
C LEU A 90 1.60 -29.38 3.58
N ASN A 91 2.76 -29.82 4.04
CA ASN A 91 3.11 -31.22 4.35
C ASN A 91 3.07 -31.53 5.85
N PRO A 92 2.90 -32.82 6.19
CA PRO A 92 2.96 -33.18 7.63
C PRO A 92 4.21 -32.59 8.30
N GLY A 93 4.06 -32.10 9.52
CA GLY A 93 5.17 -31.52 10.28
C GLY A 93 5.23 -30.01 10.21
N GLU A 94 4.86 -29.48 9.04
CA GLU A 94 4.96 -28.05 8.69
C GLU A 94 3.86 -27.19 9.31
N THR A 95 4.23 -25.96 9.69
CA THR A 95 3.26 -25.08 10.32
C THR A 95 3.10 -23.81 9.48
N ILE A 96 1.91 -23.23 9.52
CA ILE A 96 1.57 -22.09 8.66
C ILE A 96 2.03 -20.82 9.41
N THR A 97 3.33 -20.53 9.37
CA THR A 97 3.94 -19.48 10.19
C THR A 97 4.60 -18.46 9.28
N SER A 98 4.95 -17.30 9.84
CA SER A 98 5.68 -16.29 9.07
CA SER A 98 5.67 -16.31 9.06
C SER A 98 7.07 -16.83 8.73
N GLU A 99 7.60 -17.72 9.59
CA GLU A 99 8.92 -18.34 9.35
C GLU A 99 8.83 -19.20 8.08
N LYS A 100 7.80 -19.99 7.99
CA LYS A 100 7.60 -20.89 6.84
C LYS A 100 7.38 -20.02 5.59
N TYR A 101 6.52 -19.02 5.72
CA TYR A 101 6.18 -18.16 4.53
C TYR A 101 7.43 -17.43 4.05
N ALA A 102 8.30 -16.98 4.97
CA ALA A 102 9.59 -16.40 4.55
C ALA A 102 10.49 -17.35 3.70
N GLN A 103 10.56 -18.62 4.10
CA GLN A 103 11.32 -19.64 3.38
C GLN A 103 10.67 -19.90 2.02
N GLU A 104 9.34 -19.84 1.97
CA GLU A 104 8.64 -20.01 0.70
C GLU A 104 8.91 -18.86 -0.27
N ILE A 105 8.94 -17.65 0.24
CA ILE A 105 9.25 -16.44 -0.58
C ILE A 105 10.68 -16.56 -1.13
N ASP A 106 11.62 -16.98 -0.29
CA ASP A 106 13.00 -17.21 -0.79
C ASP A 106 13.03 -18.23 -1.94
N GLU A 107 12.31 -19.34 -1.80
CA GLU A 107 12.30 -20.41 -2.84
C GLU A 107 11.64 -19.86 -4.09
N MSE A 108 10.47 -19.21 -3.90
CA MSE A 108 9.76 -18.58 -5.05
C MSE A 108 10.68 -17.59 -5.81
O MSE A 108 10.67 -17.58 -7.05
CB MSE A 108 8.53 -17.83 -4.59
CG MSE A 108 7.78 -17.03 -5.78
SE MSE A 108 8.42 -15.35 -6.01
CE MSE A 108 8.15 -14.55 -4.23
N ASN A 109 11.39 -16.75 -5.06
CA ASN A 109 12.25 -15.79 -5.66
C ASN A 109 13.38 -16.47 -6.49
N GLN A 110 13.89 -17.63 -6.03
CA GLN A 110 14.93 -18.27 -6.82
C GLN A 110 14.34 -18.72 -8.17
N LYS A 111 13.14 -19.25 -8.11
CA LYS A 111 12.47 -19.66 -9.37
C LYS A 111 12.17 -18.52 -10.31
N LEU A 112 11.76 -17.37 -9.76
CA LEU A 112 11.48 -16.17 -10.53
C LEU A 112 12.77 -15.73 -11.21
N GLN A 113 13.87 -15.81 -10.45
CA GLN A 113 15.18 -15.40 -10.99
C GLN A 113 15.54 -16.26 -12.20
N ARG A 114 15.32 -17.56 -12.14
CA ARG A 114 15.53 -18.44 -13.28
C ARG A 114 14.59 -18.13 -14.44
N LEU A 115 13.30 -18.01 -14.10
CA LEU A 115 12.30 -17.71 -15.13
C LEU A 115 12.50 -16.38 -15.84
N GLN A 116 13.04 -15.35 -15.16
CA GLN A 116 13.15 -14.00 -15.74
C GLN A 116 14.36 -13.87 -16.62
N LEU A 117 15.16 -14.93 -16.69
CA LEU A 117 16.39 -14.93 -17.51
C LEU A 117 16.01 -14.81 -19.03
N ARG A 122 13.42 -5.65 -15.80
CA ARG A 122 14.49 -5.16 -14.91
C ARG A 122 14.06 -4.40 -13.64
N LYS A 123 12.86 -3.81 -13.54
CA LYS A 123 12.59 -3.16 -12.23
C LYS A 123 12.17 -4.26 -11.27
N GLY A 124 12.26 -3.97 -9.96
CA GLY A 124 12.09 -4.99 -8.94
C GLY A 124 10.65 -5.46 -8.86
N PRO A 125 10.47 -6.67 -8.30
CA PRO A 125 9.16 -7.26 -8.23
C PRO A 125 8.29 -6.56 -7.16
N ILE A 126 6.97 -6.67 -7.32
CA ILE A 126 6.02 -6.06 -6.38
C ILE A 126 5.08 -7.17 -5.95
N LEU A 127 5.02 -7.47 -4.65
CA LEU A 127 4.20 -8.61 -4.24
C LEU A 127 2.81 -8.11 -3.87
N LEU A 128 1.78 -8.80 -4.41
CA LEU A 128 0.37 -8.54 -4.04
C LEU A 128 -0.12 -9.78 -3.33
N HIS A 129 -0.39 -9.62 -2.04
CA HIS A 129 -0.87 -10.70 -1.24
C HIS A 129 -1.77 -10.12 -0.13
N ASP A 130 -2.58 -10.98 0.46
CA ASP A 130 -3.58 -10.51 1.43
C ASP A 130 -2.97 -10.40 2.82
N ASN A 131 -3.78 -9.96 3.79
CA ASN A 131 -3.22 -9.68 5.11
C ASN A 131 -3.23 -10.85 6.08
N ALA A 132 -3.25 -12.08 5.60
CA ALA A 132 -3.10 -13.27 6.45
C ALA A 132 -1.93 -13.03 7.42
N ARG A 133 -2.01 -13.50 8.66
CA ARG A 133 -0.98 -13.09 9.64
C ARG A 133 0.48 -13.37 9.22
N PRO A 134 0.76 -14.52 8.65
CA PRO A 134 2.15 -14.75 8.27
C PRO A 134 2.70 -13.77 7.21
N HIS A 135 1.78 -13.21 6.40
CA HIS A 135 2.15 -12.36 5.27
C HIS A 135 2.66 -11.04 5.73
N VAL A 136 2.26 -10.66 6.93
CA VAL A 136 2.47 -9.31 7.41
C VAL A 136 3.34 -9.26 8.72
N ALA A 137 3.89 -10.40 9.08
CA ALA A 137 4.70 -10.52 10.31
C ALA A 137 6.19 -10.63 9.91
N GLN A 138 7.07 -10.54 10.91
CA GLN A 138 8.45 -10.93 10.74
C GLN A 138 8.46 -12.49 10.92
N PRO A 139 9.38 -13.18 10.25
CA PRO A 139 10.44 -12.57 9.43
C PRO A 139 10.13 -12.42 7.95
N THR A 140 8.85 -12.61 7.58
CA THR A 140 8.39 -12.31 6.21
C THR A 140 8.77 -10.89 5.76
N LEU A 141 8.49 -9.86 6.57
CA LEU A 141 8.77 -8.51 6.15
C LEU A 141 10.26 -8.31 5.85
N GLN A 142 11.11 -8.78 6.75
CA GLN A 142 12.55 -8.69 6.49
C GLN A 142 13.00 -9.44 5.20
N LYS A 143 12.43 -10.60 4.93
CA LYS A 143 12.79 -11.36 3.75
C LYS A 143 12.45 -10.54 2.50
N LEU A 144 11.26 -9.96 2.50
CA LEU A 144 10.83 -9.12 1.40
C LEU A 144 11.79 -7.95 1.24
N ASN A 145 12.15 -7.29 2.33
CA ASN A 145 13.05 -6.15 2.22
C ASN A 145 14.43 -6.62 1.64
N GLU A 146 14.95 -7.72 2.17
CA GLU A 146 16.23 -8.26 1.77
C GLU A 146 16.31 -8.71 0.34
N LEU A 147 15.20 -9.19 -0.22
CA LEU A 147 15.22 -9.63 -1.60
C LEU A 147 14.81 -8.57 -2.57
N GLY A 148 14.42 -7.39 -2.05
CA GLY A 148 14.09 -6.22 -2.92
C GLY A 148 12.63 -6.15 -3.37
N TYR A 149 11.70 -6.74 -2.60
CA TYR A 149 10.21 -6.73 -2.96
C TYR A 149 9.49 -5.55 -2.35
N GLU A 150 8.85 -4.71 -3.18
CA GLU A 150 7.85 -3.82 -2.67
C GLU A 150 6.56 -4.64 -2.37
N VAL A 151 5.78 -4.20 -1.37
CA VAL A 151 4.47 -4.83 -1.16
C VAL A 151 3.38 -3.84 -1.57
N LEU A 152 2.45 -4.34 -2.40
CA LEU A 152 1.35 -3.51 -2.89
C LEU A 152 0.29 -3.36 -1.77
N PRO A 153 -0.21 -2.12 -1.57
CA PRO A 153 -1.30 -1.90 -0.66
C PRO A 153 -2.45 -2.88 -1.05
N HIS A 154 -3.07 -3.49 -0.07
CA HIS A 154 -4.23 -4.39 -0.34
C HIS A 154 -5.26 -4.20 0.78
N PRO A 155 -6.52 -3.88 0.42
CA PRO A 155 -7.51 -3.65 1.48
C PRO A 155 -8.08 -4.93 2.06
N PRO A 156 -8.39 -4.94 3.37
CA PRO A 156 -8.95 -6.12 3.97
C PRO A 156 -10.27 -6.53 3.31
N TYR A 157 -10.64 -7.79 3.48
CA TYR A 157 -11.89 -8.33 2.99
C TYR A 157 -12.12 -8.14 1.52
N SER A 158 -11.05 -8.28 0.74
CA SER A 158 -11.15 -7.97 -0.69
C SER A 158 -10.53 -9.14 -1.57
N PRO A 159 -11.10 -10.37 -1.52
CA PRO A 159 -10.65 -11.46 -2.41
C PRO A 159 -11.01 -11.13 -3.85
N ASP A 160 -11.93 -10.19 -4.06
CA ASP A 160 -12.33 -9.79 -5.42
C ASP A 160 -11.25 -8.88 -6.06
N LEU A 161 -10.27 -8.48 -5.23
CA LEU A 161 -9.14 -7.65 -5.71
C LEU A 161 -7.81 -8.45 -5.63
N LEU A 162 -7.90 -9.74 -5.36
CA LEU A 162 -6.72 -10.59 -5.12
C LEU A 162 -6.72 -11.56 -6.31
N PRO A 163 -5.87 -11.38 -7.31
CA PRO A 163 -6.02 -12.22 -8.50
C PRO A 163 -5.92 -13.74 -8.34
N THR A 164 -5.16 -14.25 -7.35
CA THR A 164 -5.09 -15.67 -7.22
C THR A 164 -6.49 -16.18 -6.89
N ASN A 165 -7.21 -15.39 -6.10
CA ASN A 165 -8.53 -15.80 -5.68
C ASN A 165 -9.60 -15.63 -6.80
N TYR A 166 -9.70 -14.43 -7.37
CA TYR A 166 -10.77 -14.18 -8.37
C TYR A 166 -10.53 -14.84 -9.75
N HIS A 167 -9.26 -15.18 -10.03
CA HIS A 167 -8.90 -15.77 -11.32
C HIS A 167 -8.47 -17.23 -11.18
N VAL A 168 -7.29 -17.47 -10.62
CA VAL A 168 -6.79 -18.86 -10.57
C VAL A 168 -7.73 -19.79 -9.81
N PHE A 169 -8.15 -19.37 -8.61
CA PHE A 169 -8.97 -20.22 -7.80
C PHE A 169 -10.37 -20.48 -8.36
N LYS A 170 -10.92 -19.47 -9.03
CA LYS A 170 -12.20 -19.61 -9.70
C LYS A 170 -12.14 -20.73 -10.74
N HIS A 171 -11.13 -20.68 -11.58
CA HIS A 171 -10.92 -21.71 -12.59
C HIS A 171 -10.54 -23.09 -11.99
N LEU A 172 -9.79 -23.07 -10.90
CA LEU A 172 -9.48 -24.32 -10.17
C LEU A 172 -10.75 -24.95 -9.58
N ASN A 173 -11.60 -24.16 -8.92
CA ASN A 173 -12.90 -24.67 -8.45
C ASN A 173 -13.68 -25.35 -9.56
N ASN A 174 -13.76 -24.72 -10.72
CA ASN A 174 -14.42 -25.35 -11.91
C ASN A 174 -13.81 -26.72 -12.21
N PHE A 175 -12.49 -26.76 -12.30
CA PHE A 175 -11.73 -27.96 -12.57
C PHE A 175 -11.94 -29.09 -11.53
N LEU A 176 -12.03 -28.74 -10.25
CA LEU A 176 -12.11 -29.79 -9.21
C LEU A 176 -13.50 -30.37 -9.09
N GLN A 177 -14.50 -29.67 -9.63
CA GLN A 177 -15.88 -30.14 -9.53
C GLN A 177 -16.05 -31.30 -10.54
N GLY A 178 -16.30 -32.49 -10.03
CA GLY A 178 -16.53 -32.77 -8.61
C GLY A 178 -15.75 -34.04 -8.45
N LYS A 179 -14.45 -33.89 -8.29
CA LYS A 179 -13.54 -34.99 -8.30
C LYS A 179 -13.39 -35.50 -6.88
N ARG A 180 -12.77 -36.67 -6.77
CA ARG A 180 -12.53 -37.34 -5.49
C ARG A 180 -11.11 -37.86 -5.44
N PHE A 181 -10.35 -37.39 -4.46
CA PHE A 181 -8.98 -37.82 -4.28
C PHE A 181 -8.93 -38.75 -3.08
N HIS A 182 -7.92 -39.63 -3.06
CA HIS A 182 -7.81 -40.64 -2.02
C HIS A 182 -6.80 -40.21 -0.98
N ASN A 183 -5.76 -39.54 -1.45
CA ASN A 183 -4.63 -39.15 -0.64
C ASN A 183 -4.18 -37.76 -1.07
N GLN A 184 -3.09 -37.28 -0.47
CA GLN A 184 -2.51 -35.98 -0.82
C GLN A 184 -1.88 -35.99 -2.21
N GLN A 185 -1.37 -37.15 -2.62
CA GLN A 185 -0.68 -37.23 -3.89
C GLN A 185 -1.65 -37.06 -5.08
N ASP A 186 -2.86 -37.61 -4.94
CA ASP A 186 -3.85 -37.52 -6.02
C ASP A 186 -4.32 -36.10 -6.16
N ALA A 187 -4.42 -35.41 -5.02
CA ALA A 187 -4.85 -34.01 -4.97
C ALA A 187 -3.79 -33.13 -5.63
N GLU A 188 -2.52 -33.38 -5.29
CA GLU A 188 -1.37 -32.75 -5.98
C GLU A 188 -1.32 -33.00 -7.49
N ASN A 189 -1.54 -34.25 -7.89
CA ASN A 189 -1.53 -34.60 -9.30
C ASN A 189 -2.65 -33.86 -10.04
N ALA A 190 -3.83 -33.71 -9.43
CA ALA A 190 -4.93 -32.98 -10.09
C ALA A 190 -4.59 -31.44 -10.19
N PHE A 191 -4.02 -30.88 -9.14
CA PHE A 191 -3.54 -29.50 -9.23
C PHE A 191 -2.49 -29.34 -10.34
N GLN A 192 -1.56 -30.30 -10.44
CA GLN A 192 -0.58 -30.25 -11.49
C GLN A 192 -1.19 -30.28 -12.88
N GLU A 193 -2.12 -31.20 -13.12
CA GLU A 193 -2.79 -31.28 -14.41
C GLU A 193 -3.57 -29.96 -14.67
N PHE A 194 -4.12 -29.38 -13.62
CA PHE A 194 -4.82 -28.12 -13.75
C PHE A 194 -3.86 -27.03 -14.27
N VAL A 195 -2.75 -26.83 -13.53
CA VAL A 195 -1.73 -25.88 -13.91
C VAL A 195 -1.19 -26.12 -15.34
N GLU A 196 -0.89 -27.38 -15.67
CA GLU A 196 -0.32 -27.72 -16.98
C GLU A 196 -1.31 -27.63 -18.14
N SER A 197 -2.60 -27.62 -17.82
CA SER A 197 -3.68 -27.43 -18.77
C SER A 197 -3.75 -26.00 -19.35
N GLN A 198 -3.16 -25.02 -18.65
CA GLN A 198 -3.46 -23.61 -18.99
C GLN A 198 -2.62 -23.10 -20.14
N SER A 199 -3.21 -22.21 -20.93
CA SER A 199 -2.49 -21.64 -22.05
C SER A 199 -1.54 -20.56 -21.56
N THR A 200 -0.62 -20.16 -22.44
CA THR A 200 0.44 -19.20 -22.01
C THR A 200 -0.06 -17.81 -21.57
N ASP A 201 -1.27 -17.36 -22.03
CA ASP A 201 -1.88 -16.06 -21.72
C ASP A 201 -2.83 -16.09 -20.51
N PHE A 202 -3.01 -17.28 -19.92
CA PHE A 202 -3.95 -17.42 -18.84
C PHE A 202 -3.65 -16.50 -17.66
N TYR A 203 -2.37 -16.47 -17.27
CA TYR A 203 -1.96 -15.63 -16.13
C TYR A 203 -2.16 -14.14 -16.41
N ALA A 204 -1.83 -13.72 -17.63
CA ALA A 204 -1.88 -12.31 -17.98
C ALA A 204 -3.28 -11.78 -17.80
N THR A 205 -4.26 -12.65 -18.13
CA THR A 205 -5.70 -12.36 -17.96
C THR A 205 -5.99 -11.91 -16.52
N GLY A 206 -5.60 -12.74 -15.56
CA GLY A 206 -5.87 -12.42 -14.17
C GLY A 206 -5.28 -11.09 -13.70
N ILE A 207 -4.01 -10.88 -14.07
N ILE A 207 -4.03 -10.83 -14.05
CA ILE A 207 -3.27 -9.70 -13.68
CA ILE A 207 -3.41 -9.66 -13.51
C ILE A 207 -3.95 -8.48 -14.28
C ILE A 207 -3.85 -8.39 -14.29
N ASN A 208 -4.10 -8.53 -15.59
CA ASN A 208 -4.63 -7.36 -16.37
C ASN A 208 -6.06 -6.90 -15.98
N GLN A 209 -6.83 -7.86 -15.49
CA GLN A 209 -8.18 -7.55 -14.96
C GLN A 209 -8.13 -6.63 -13.78
N LEU A 210 -6.97 -6.48 -13.09
CA LEU A 210 -6.93 -5.58 -11.94
C LEU A 210 -7.44 -4.18 -12.22
N ILE A 211 -7.06 -3.62 -13.38
CA ILE A 211 -7.46 -2.24 -13.67
C ILE A 211 -8.97 -2.10 -13.69
N SER A 212 -9.59 -3.02 -14.38
CA SER A 212 -11.07 -2.99 -14.47
C SER A 212 -11.75 -3.20 -13.10
N ARG A 213 -11.17 -4.08 -12.27
CA ARG A 213 -11.72 -4.35 -10.96
C ARG A 213 -11.50 -3.18 -9.97
N TRP A 214 -10.30 -2.58 -9.99
CA TRP A 214 -10.15 -1.31 -9.24
C TRP A 214 -11.21 -0.28 -9.60
N GLN A 215 -11.45 -0.14 -10.90
CA GLN A 215 -12.42 0.87 -11.35
C GLN A 215 -13.82 0.55 -10.94
N LYS A 216 -14.16 -0.72 -10.97
CA LYS A 216 -15.53 -1.13 -10.60
C LYS A 216 -15.72 -0.86 -9.12
N CYS A 217 -14.63 -1.06 -8.37
CA CYS A 217 -14.64 -0.81 -6.93
C CYS A 217 -14.84 0.68 -6.68
N VAL A 218 -14.13 1.52 -7.44
CA VAL A 218 -14.33 2.98 -7.33
C VAL A 218 -15.80 3.34 -7.72
N ASP A 219 -16.28 2.72 -8.80
CA ASP A 219 -17.64 3.01 -9.33
C ASP A 219 -18.72 2.70 -8.31
N CYS A 220 -18.49 1.68 -7.49
CA CYS A 220 -19.41 1.23 -6.44
C CYS A 220 -19.06 1.82 -5.06
N ASN A 221 -18.26 2.87 -5.06
CA ASN A 221 -17.90 3.63 -3.83
C ASN A 221 -17.25 2.73 -2.75
N GLY A 222 -16.51 1.73 -3.19
CA GLY A 222 -15.76 0.93 -2.26
C GLY A 222 -16.53 -0.32 -1.87
N SER A 223 -17.78 -0.49 -2.38
CA SER A 223 -18.53 -1.72 -2.11
C SER A 223 -18.01 -2.87 -2.99
N TYR A 224 -18.57 -4.05 -2.79
CA TYR A 224 -18.40 -5.13 -3.74
C TYR A 224 -19.10 -4.74 -5.04
N PHE A 225 -18.73 -5.41 -6.10
CA PHE A 225 -19.20 -5.08 -7.49
C PHE A 225 -19.52 -6.33 -8.40
N HIS B 4 3.70 7.25 22.77
CA HIS B 4 3.00 6.02 22.23
C HIS B 4 3.89 4.80 22.35
N GLU B 5 3.32 3.72 22.91
CA GLU B 5 4.06 2.47 22.92
C GLU B 5 3.55 1.66 21.70
N LEU B 6 4.40 1.53 20.69
CA LEU B 6 4.04 0.69 19.52
C LEU B 6 3.86 -0.78 19.90
N THR B 7 2.80 -1.34 19.35
CA THR B 7 2.56 -2.80 19.38
C THR B 7 3.43 -3.41 18.29
N GLU B 8 3.68 -4.71 18.43
CA GLU B 8 4.43 -5.39 17.38
C GLU B 8 3.71 -5.28 16.02
N ASN B 9 2.38 -5.33 16.03
CA ASN B 9 1.68 -5.26 14.74
C ASN B 9 1.95 -3.87 14.15
N GLN B 10 1.98 -2.86 14.99
CA GLN B 10 2.27 -1.47 14.57
C GLN B 10 3.68 -1.23 14.10
N LYS B 11 4.67 -1.88 14.74
CA LYS B 11 6.02 -1.87 14.19
C LYS B 11 6.07 -2.59 12.81
N ASN B 12 5.36 -3.71 12.68
CA ASN B 12 5.39 -4.47 11.45
C ASN B 12 4.83 -3.63 10.31
N ARG B 13 3.73 -2.92 10.57
CA ARG B 13 3.11 -2.11 9.52
C ARG B 13 4.08 -0.94 9.14
N ARG B 14 4.72 -0.33 10.14
CA ARG B 14 5.73 0.69 9.86
C ARG B 14 6.85 0.14 9.03
N PHE B 15 7.30 -1.08 9.38
CA PHE B 15 8.43 -1.71 8.66
C PHE B 15 8.04 -1.98 7.18
N GLU B 16 6.90 -2.62 6.99
CA GLU B 16 6.33 -2.98 5.70
C GLU B 16 6.23 -1.71 4.80
N VAL B 17 5.61 -0.65 5.28
CA VAL B 17 5.39 0.54 4.45
C VAL B 17 6.71 1.27 4.15
N SER B 18 7.55 1.44 5.16
CA SER B 18 8.91 2.03 4.98
C SER B 18 9.69 1.28 3.92
N SER B 19 9.79 -0.06 4.05
CA SER B 19 10.60 -0.85 3.12
C SER B 19 10.08 -0.69 1.70
N SER B 20 8.77 -0.81 1.57
CA SER B 20 8.12 -0.74 0.26
C SER B 20 8.30 0.65 -0.36
N LEU B 21 8.20 1.72 0.47
CA LEU B 21 8.36 3.09 -0.08
C LEU B 21 9.81 3.34 -0.57
N ILE B 22 10.80 2.93 0.22
CA ILE B 22 12.24 2.98 -0.15
C ILE B 22 12.53 2.30 -1.49
N LEU B 23 12.08 1.05 -1.59
CA LEU B 23 12.17 0.27 -2.80
C LEU B 23 11.43 0.82 -3.97
N ARG B 24 10.18 1.27 -3.75
CA ARG B 24 9.42 1.93 -4.84
C ARG B 24 10.20 3.12 -5.39
N ASN B 25 10.70 3.93 -4.45
CA ASN B 25 11.39 5.15 -4.86
C ASN B 25 12.68 4.83 -5.56
N HIS B 26 13.35 3.77 -5.13
CA HIS B 26 14.57 3.36 -5.83
C HIS B 26 14.24 2.87 -7.20
N ASN B 27 13.18 2.06 -7.33
CA ASN B 27 12.75 1.62 -8.68
C ASN B 27 12.28 2.71 -9.64
N GLU B 28 11.52 3.66 -9.10
CA GLU B 28 10.79 4.66 -9.85
C GLU B 28 10.62 5.91 -9.01
N PRO B 29 11.68 6.73 -8.93
CA PRO B 29 11.64 7.92 -8.09
C PRO B 29 10.31 8.71 -8.23
N PHE B 30 9.74 9.06 -7.07
CA PHE B 30 8.48 9.78 -6.99
C PHE B 30 8.50 10.91 -5.98
N LEU B 31 9.62 11.20 -5.33
CA LEU B 31 9.50 12.18 -4.21
C LEU B 31 9.12 13.60 -4.64
N ASP B 32 9.51 13.93 -5.89
CA ASP B 32 9.17 15.18 -6.58
C ASP B 32 7.64 15.41 -6.78
N ARG B 33 6.85 14.32 -6.72
CA ARG B 33 5.42 14.44 -6.95
C ARG B 33 4.59 14.49 -5.65
N ILE B 34 5.26 14.27 -4.51
CA ILE B 34 4.58 14.28 -3.22
C ILE B 34 4.07 15.66 -2.81
N VAL B 35 2.78 15.72 -2.54
CA VAL B 35 2.19 16.83 -1.77
C VAL B 35 1.93 16.23 -0.41
N THR B 36 2.20 16.98 0.63
CA THR B 36 2.04 16.48 2.00
C THR B 36 1.43 17.54 2.91
N CYS B 37 0.78 17.07 3.97
N CYS B 37 0.75 17.07 3.96
CA CYS B 37 0.04 17.94 4.87
CA CYS B 37 0.08 17.96 4.89
C CYS B 37 -0.18 17.33 6.25
C CYS B 37 -0.08 17.33 6.27
N ASP B 38 -0.39 18.20 7.24
CA ASP B 38 -0.78 17.82 8.58
C ASP B 38 -1.41 19.01 9.27
N GLU B 39 -2.15 18.68 10.32
CA GLU B 39 -2.89 19.64 11.10
C GLU B 39 -2.13 19.90 12.39
N LYS B 40 -2.15 21.16 12.84
CA LYS B 40 -1.47 21.45 14.12
C LYS B 40 -2.23 22.53 14.91
N TRP B 41 -2.48 22.26 16.19
CA TRP B 41 -3.10 23.23 17.13
C TRP B 41 -2.01 24.11 17.67
N ILE B 42 -1.98 25.34 17.19
CA ILE B 42 -1.03 26.31 17.64
C ILE B 42 -1.60 26.89 18.94
N LEU B 43 -0.98 26.57 20.08
CA LEU B 43 -1.46 27.09 21.37
C LEU B 43 -1.21 28.62 21.54
N LYS B 71 -5.98 29.37 24.93
CA LYS B 71 -6.72 29.08 23.71
C LYS B 71 -5.76 28.74 22.57
N LYS B 72 -6.31 28.28 21.44
CA LYS B 72 -5.53 27.79 20.30
C LYS B 72 -6.28 28.04 18.97
N VAL B 73 -5.55 27.94 17.87
CA VAL B 73 -6.12 27.99 16.51
C VAL B 73 -5.49 26.85 15.68
N MSE B 74 -6.28 26.18 14.85
CA MSE B 74 -5.74 25.03 14.11
C MSE B 74 -5.30 25.45 12.73
O MSE B 74 -6.01 26.14 12.03
CB MSE B 74 -6.75 23.88 14.02
CG MSE B 74 -6.11 22.52 13.60
SE MSE B 74 -7.47 21.16 13.26
CE MSE B 74 -7.95 21.58 11.44
N VAL B 75 -4.10 25.04 12.37
CA VAL B 75 -3.54 25.32 11.07
C VAL B 75 -3.39 23.98 10.31
N THR B 76 -3.53 24.03 8.98
CA THR B 76 -3.24 22.93 8.05
C THR B 76 -2.41 23.53 6.93
N ILE B 77 -1.30 22.89 6.62
CA ILE B 77 -0.36 23.34 5.62
C ILE B 77 -0.08 22.20 4.65
N TRP B 78 -0.07 22.55 3.37
CA TRP B 78 0.16 21.69 2.25
C TRP B 78 1.40 22.22 1.52
N TRP B 79 2.29 21.31 1.15
CA TRP B 79 3.52 21.69 0.48
C TRP B 79 4.18 20.50 -0.16
N SER B 80 5.22 20.76 -0.95
CA SER B 80 5.91 19.72 -1.71
C SER B 80 7.37 20.11 -1.76
N ALA B 81 8.21 19.29 -2.39
CA ALA B 81 9.64 19.63 -2.47
C ALA B 81 9.80 21.01 -3.15
N ALA B 82 8.87 21.37 -4.02
CA ALA B 82 9.01 22.59 -4.81
C ALA B 82 8.53 23.85 -4.07
N GLY B 83 7.87 23.67 -2.93
CA GLY B 83 7.55 24.78 -2.07
C GLY B 83 6.24 24.73 -1.36
N LEU B 84 5.99 25.76 -0.55
CA LEU B 84 4.69 25.96 0.05
C LEU B 84 3.61 25.94 -1.03
N ILE B 85 2.49 25.26 -0.76
CA ILE B 85 1.38 25.31 -1.72
C ILE B 85 0.18 26.07 -1.17
N HIS B 86 -0.23 25.75 0.06
CA HIS B 86 -1.51 26.21 0.60
C HIS B 86 -1.51 26.01 2.11
N TYR B 87 -2.25 26.87 2.81
CA TYR B 87 -2.51 26.71 4.23
C TYR B 87 -3.80 27.42 4.62
N SER B 88 -4.38 27.00 5.74
CA SER B 88 -5.61 27.59 6.23
C SER B 88 -5.73 27.31 7.71
N PHE B 89 -6.68 28.02 8.36
CA PHE B 89 -6.87 28.03 9.81
C PHE B 89 -8.31 27.72 10.07
N THR B 97 -14.44 18.31 9.61
CA THR B 97 -15.18 17.36 8.70
C THR B 97 -14.42 16.91 7.45
N SER B 98 -14.72 15.71 6.96
CA SER B 98 -14.23 15.26 5.62
C SER B 98 -14.69 16.22 4.54
N GLU B 99 -15.93 16.75 4.65
CA GLU B 99 -16.39 17.74 3.68
C GLU B 99 -15.50 19.01 3.64
N LYS B 100 -15.17 19.57 4.82
CA LYS B 100 -14.28 20.75 4.86
C LYS B 100 -12.86 20.44 4.32
N TYR B 101 -12.32 19.29 4.73
CA TYR B 101 -11.06 18.76 4.21
C TYR B 101 -11.03 18.69 2.68
N ALA B 102 -12.08 18.10 2.09
CA ALA B 102 -12.25 17.94 0.62
C ALA B 102 -12.27 19.30 -0.08
N GLN B 103 -12.99 20.29 0.48
CA GLN B 103 -12.99 21.71 -0.05
C GLN B 103 -11.58 22.27 -0.01
N GLU B 104 -10.88 21.98 1.10
CA GLU B 104 -9.49 22.40 1.28
C GLU B 104 -8.55 21.74 0.28
N ILE B 105 -8.75 20.46 0.00
CA ILE B 105 -7.96 19.80 -1.07
C ILE B 105 -8.18 20.50 -2.41
N ASP B 106 -9.44 20.92 -2.68
CA ASP B 106 -9.76 21.57 -3.93
C ASP B 106 -9.04 22.92 -4.01
N GLU B 107 -9.02 23.67 -2.91
CA GLU B 107 -8.31 24.96 -2.85
C GLU B 107 -6.79 24.77 -3.05
N MSE B 108 -6.20 23.80 -2.33
CA MSE B 108 -4.79 23.42 -2.49
C MSE B 108 -4.50 23.09 -3.95
O MSE B 108 -3.49 23.55 -4.47
CB MSE B 108 -4.46 22.22 -1.56
CG MSE B 108 -2.98 21.63 -1.61
SE MSE B 108 -2.69 20.55 -3.16
CE MSE B 108 -3.69 18.97 -2.48
N ASN B 109 -5.36 22.30 -4.60
CA ASN B 109 -5.08 21.89 -5.99
C ASN B 109 -5.06 23.05 -7.03
N GLN B 110 -5.97 23.97 -6.86
CA GLN B 110 -6.03 25.19 -7.68
C GLN B 110 -4.71 25.95 -7.58
N LYS B 111 -4.15 26.01 -6.37
CA LYS B 111 -2.86 26.65 -6.15
C LYS B 111 -1.70 25.89 -6.75
N LEU B 112 -1.70 24.56 -6.55
CA LEU B 112 -0.64 23.73 -7.13
C LEU B 112 -0.57 23.89 -8.65
N GLN B 113 -1.72 23.79 -9.32
CA GLN B 113 -1.81 23.90 -10.79
C GLN B 113 -1.20 25.19 -11.31
N ARG B 114 -1.41 26.28 -10.59
CA ARG B 114 -0.83 27.58 -10.98
C ARG B 114 0.67 27.67 -10.66
N LEU B 115 1.08 27.12 -9.52
CA LEU B 115 2.45 27.28 -9.00
C LEU B 115 3.42 26.43 -9.82
N GLN B 116 2.87 25.39 -10.41
CA GLN B 116 3.60 24.39 -11.15
C GLN B 116 3.97 24.97 -12.50
N ARG B 122 1.73 16.00 -17.34
CA ARG B 122 2.73 15.51 -16.40
C ARG B 122 2.05 14.49 -15.50
N LYS B 123 2.87 13.66 -14.86
CA LYS B 123 2.41 12.57 -13.99
C LYS B 123 1.62 13.15 -12.83
N GLY B 124 0.64 12.38 -12.36
CA GLY B 124 -0.26 12.95 -11.39
C GLY B 124 0.44 13.15 -10.04
N PRO B 125 -0.15 13.99 -9.17
CA PRO B 125 0.44 14.25 -7.89
C PRO B 125 0.16 13.12 -6.87
N ILE B 126 0.97 13.06 -5.81
CA ILE B 126 0.82 12.03 -4.75
C ILE B 126 0.58 12.69 -3.40
N LEU B 127 -0.48 12.34 -2.68
CA LEU B 127 -0.62 12.92 -1.33
C LEU B 127 -0.08 12.00 -0.24
N LEU B 128 0.72 12.57 0.65
CA LEU B 128 1.12 11.89 1.88
C LEU B 128 0.44 12.59 3.04
N HIS B 129 -0.54 11.94 3.66
CA HIS B 129 -1.16 12.45 4.88
C HIS B 129 -1.48 11.33 5.83
N ASP B 130 -1.78 11.68 7.08
CA ASP B 130 -2.03 10.66 8.07
C ASP B 130 -3.48 10.15 8.05
N ASN B 131 -3.80 9.19 8.94
CA ASN B 131 -5.08 8.51 8.88
CA ASN B 131 -5.11 8.54 8.85
C ASN B 131 -6.18 9.16 9.76
N ALA B 132 -6.04 10.46 10.06
CA ALA B 132 -7.11 11.20 10.70
C ALA B 132 -8.43 10.90 10.01
N ARG B 133 -9.49 10.72 10.80
CA ARG B 133 -10.78 10.32 10.20
C ARG B 133 -11.21 11.14 8.96
N PRO B 134 -11.07 12.50 8.98
CA PRO B 134 -11.48 13.25 7.81
C PRO B 134 -10.65 12.85 6.59
N HIS B 135 -9.41 12.40 6.79
CA HIS B 135 -8.48 12.17 5.69
C HIS B 135 -8.87 10.92 4.91
N VAL B 136 -9.65 10.05 5.55
CA VAL B 136 -9.92 8.71 4.94
C VAL B 136 -11.42 8.46 4.73
N ALA B 137 -12.28 9.48 4.96
CA ALA B 137 -13.75 9.32 4.82
C ALA B 137 -14.18 9.63 3.36
N GLN B 138 -15.39 9.19 2.96
CA GLN B 138 -15.84 9.30 1.54
C GLN B 138 -15.68 10.66 0.80
N PRO B 139 -16.16 11.77 1.41
CA PRO B 139 -16.12 13.03 0.68
C PRO B 139 -14.69 13.25 0.26
N THR B 140 -13.75 13.04 1.18
CA THR B 140 -12.35 13.25 0.85
C THR B 140 -11.79 12.29 -0.20
N LEU B 141 -12.10 10.99 -0.04
CA LEU B 141 -11.63 10.00 -1.01
C LEU B 141 -12.15 10.34 -2.41
N GLN B 142 -13.43 10.65 -2.50
CA GLN B 142 -14.00 11.03 -3.81
C GLN B 142 -13.29 12.21 -4.44
N LYS B 143 -12.96 13.21 -3.62
CA LYS B 143 -12.30 14.41 -4.12
C LYS B 143 -10.94 14.06 -4.67
N LEU B 144 -10.20 13.24 -3.92
CA LEU B 144 -8.88 12.84 -4.35
C LEU B 144 -8.99 12.00 -5.64
N ASN B 145 -9.97 11.13 -5.74
CA ASN B 145 -10.13 10.42 -7.02
C ASN B 145 -10.48 11.43 -8.16
N GLU B 146 -11.35 12.39 -7.90
CA GLU B 146 -11.83 13.30 -8.97
C GLU B 146 -10.66 14.08 -9.49
N LEU B 147 -9.78 14.50 -8.57
CA LEU B 147 -8.65 15.40 -8.84
C LEU B 147 -7.37 14.65 -9.34
N GLY B 148 -7.42 13.33 -9.29
CA GLY B 148 -6.34 12.46 -9.75
C GLY B 148 -5.10 12.32 -8.84
N TYR B 149 -5.32 12.42 -7.52
CA TYR B 149 -4.27 12.13 -6.52
C TYR B 149 -4.18 10.67 -6.06
N GLU B 150 -3.01 10.08 -6.21
CA GLU B 150 -2.70 8.79 -5.55
C GLU B 150 -2.48 9.07 -4.03
N VAL B 151 -2.95 8.23 -3.14
CA VAL B 151 -2.65 8.46 -1.69
C VAL B 151 -1.53 7.48 -1.35
N LEU B 152 -0.50 7.97 -0.68
CA LEU B 152 0.70 7.15 -0.37
C LEU B 152 0.39 6.34 0.86
N PRO B 153 0.78 5.05 0.87
CA PRO B 153 0.63 4.27 2.06
C PRO B 153 1.30 5.01 3.21
N HIS B 154 0.66 5.01 4.36
CA HIS B 154 1.19 5.62 5.57
C HIS B 154 0.83 4.79 6.84
N PRO B 155 1.85 4.36 7.62
CA PRO B 155 1.52 3.53 8.77
C PRO B 155 0.97 4.34 9.92
N PRO B 156 -0.01 3.79 10.66
CA PRO B 156 -0.47 4.45 11.89
C PRO B 156 0.62 4.74 12.94
N TYR B 157 0.41 5.82 13.71
CA TYR B 157 1.25 6.21 14.83
C TYR B 157 2.65 6.56 14.39
N SER B 158 2.74 7.25 13.25
CA SER B 158 4.01 7.48 12.59
C SER B 158 4.24 8.94 12.21
N PRO B 159 4.30 9.82 13.22
CA PRO B 159 4.55 11.23 12.82
C PRO B 159 6.01 11.45 12.46
N ASP B 160 6.92 10.59 12.96
CA ASP B 160 8.32 10.56 12.47
C ASP B 160 8.46 10.29 10.97
N LEU B 161 7.36 9.90 10.31
CA LEU B 161 7.37 9.58 8.86
C LEU B 161 6.53 10.56 8.07
N LEU B 162 6.00 11.57 8.74
CA LEU B 162 5.10 12.52 8.14
C LEU B 162 5.87 13.85 8.08
N PRO B 163 6.35 14.27 6.88
CA PRO B 163 7.25 15.47 6.76
C PRO B 163 6.77 16.78 7.43
N THR B 164 5.47 17.05 7.29
CA THR B 164 4.89 18.24 7.93
C THR B 164 5.20 18.22 9.44
N ASN B 165 5.00 17.07 10.07
CA ASN B 165 5.34 16.90 11.45
C ASN B 165 6.83 16.92 11.79
N TYR B 166 7.62 16.01 11.18
CA TYR B 166 9.03 15.94 11.57
C TYR B 166 9.86 17.15 11.10
N HIS B 167 9.42 17.83 10.04
CA HIS B 167 10.17 18.94 9.47
C HIS B 167 9.52 20.31 9.74
N VAL B 168 8.33 20.56 9.18
CA VAL B 168 7.74 21.92 9.20
C VAL B 168 7.33 22.35 10.60
N PHE B 169 6.66 21.44 11.31
CA PHE B 169 6.19 21.68 12.68
C PHE B 169 7.34 21.75 13.71
N LYS B 170 8.40 20.96 13.50
CA LYS B 170 9.60 21.04 14.33
C LYS B 170 10.21 22.45 14.25
N HIS B 171 10.43 22.94 13.04
CA HIS B 171 10.90 24.30 12.86
C HIS B 171 9.91 25.34 13.39
N LEU B 172 8.62 25.02 13.30
CA LEU B 172 7.58 25.91 13.85
C LEU B 172 7.58 25.95 15.36
N ASN B 173 7.81 24.81 15.99
CA ASN B 173 8.04 24.75 17.41
C ASN B 173 9.22 25.64 17.82
N ASN B 174 10.29 25.64 17.02
CA ASN B 174 11.43 26.58 17.19
C ASN B 174 11.00 28.04 17.11
N PHE B 175 10.31 28.38 16.03
CA PHE B 175 9.88 29.75 15.76
C PHE B 175 8.80 30.28 16.73
N LEU B 176 7.97 29.40 17.26
CA LEU B 176 6.93 29.84 18.20
C LEU B 176 7.45 29.92 19.62
N GLN B 177 8.64 29.36 19.82
CA GLN B 177 9.32 29.43 21.09
C GLN B 177 9.91 30.85 21.21
N GLY B 178 9.48 31.60 22.22
CA GLY B 178 8.45 31.18 23.15
C GLY B 178 7.57 32.39 23.29
N LYS B 179 6.46 32.41 22.55
CA LYS B 179 5.59 33.57 22.51
C LYS B 179 4.27 33.35 23.26
N ARG B 180 3.55 34.45 23.48
CA ARG B 180 2.19 34.39 23.94
C ARG B 180 1.38 35.37 23.09
N PHE B 181 0.35 34.85 22.42
CA PHE B 181 -0.50 35.68 21.58
C PHE B 181 -1.80 35.99 22.35
N HIS B 182 -2.40 37.14 22.02
CA HIS B 182 -3.59 37.61 22.75
C HIS B 182 -4.89 37.18 22.07
N ASN B 183 -4.79 36.99 20.76
CA ASN B 183 -5.92 36.67 19.87
C ASN B 183 -5.43 35.85 18.65
N GLN B 184 -6.40 35.44 17.82
CA GLN B 184 -6.16 34.58 16.65
C GLN B 184 -5.43 35.26 15.47
N GLN B 185 -5.75 36.52 15.18
CA GLN B 185 -5.11 37.20 14.04
C GLN B 185 -3.58 37.27 14.17
N ASP B 186 -3.09 37.55 15.39
CA ASP B 186 -1.66 37.56 15.67
C ASP B 186 -0.98 36.18 15.58
N ALA B 187 -1.64 35.15 16.10
CA ALA B 187 -1.24 33.76 15.89
C ALA B 187 -1.04 33.44 14.38
N GLU B 188 -2.06 33.76 13.57
CA GLU B 188 -2.02 33.63 12.10
C GLU B 188 -0.92 34.45 11.42
N ASN B 189 -0.78 35.70 11.85
CA ASN B 189 0.25 36.57 11.31
C ASN B 189 1.64 36.00 11.54
N ALA B 190 1.86 35.38 12.70
CA ALA B 190 3.14 34.77 13.08
C ALA B 190 3.41 33.44 12.34
N PHE B 191 2.38 32.62 12.18
CA PHE B 191 2.50 31.45 11.29
C PHE B 191 2.93 31.90 9.90
N GLN B 192 2.35 33.02 9.46
CA GLN B 192 2.68 33.62 8.17
C GLN B 192 4.13 34.07 8.08
N GLU B 193 4.63 34.68 9.15
CA GLU B 193 6.01 35.12 9.22
C GLU B 193 6.90 33.90 9.04
N PHE B 194 6.54 32.82 9.75
CA PHE B 194 7.26 31.55 9.65
C PHE B 194 7.36 30.98 8.22
N VAL B 195 6.22 30.75 7.57
CA VAL B 195 6.24 30.12 6.23
C VAL B 195 6.93 30.96 5.14
N GLU B 196 7.12 32.25 5.45
CA GLU B 196 7.76 33.21 4.53
C GLU B 196 9.24 33.36 4.83
N SER B 197 9.61 33.20 6.10
CA SER B 197 11.00 33.25 6.53
C SER B 197 11.76 31.92 6.36
N GLN B 198 11.46 31.16 5.30
CA GLN B 198 12.16 29.89 5.07
C GLN B 198 12.76 29.85 3.68
N SER B 199 13.99 29.32 3.55
CA SER B 199 14.70 29.30 2.25
C SER B 199 13.91 28.70 1.09
N THR B 200 14.48 28.76 -0.12
CA THR B 200 13.84 28.08 -1.28
C THR B 200 13.96 26.56 -1.17
N ASP B 201 14.94 26.08 -0.40
CA ASP B 201 15.15 24.64 -0.21
C ASP B 201 14.79 24.13 1.18
N PHE B 202 14.13 24.97 1.96
CA PHE B 202 13.60 24.52 3.24
C PHE B 202 12.67 23.32 2.97
N TYR B 203 11.83 23.46 1.95
CA TYR B 203 10.79 22.46 1.63
C TYR B 203 11.38 21.17 0.99
N ALA B 204 12.28 21.36 0.02
CA ALA B 204 13.01 20.25 -0.62
C ALA B 204 13.71 19.36 0.42
N THR B 205 14.36 20.00 1.40
CA THR B 205 15.00 19.40 2.57
C THR B 205 14.09 18.40 3.29
N GLY B 206 12.89 18.87 3.65
CA GLY B 206 11.84 18.08 4.35
C GLY B 206 11.49 16.78 3.63
N ILE B 207 11.26 16.91 2.32
CA ILE B 207 10.85 15.76 1.51
C ILE B 207 11.98 14.77 1.28
N ASN B 208 13.15 15.28 0.92
CA ASN B 208 14.28 14.42 0.61
C ASN B 208 14.77 13.56 1.77
N GLN B 209 14.50 14.03 3.00
CA GLN B 209 14.76 13.29 4.24
C GLN B 209 13.95 11.98 4.41
N LEU B 210 12.88 11.82 3.63
CA LEU B 210 12.09 10.62 3.66
C LEU B 210 12.89 9.32 3.53
N ILE B 211 13.77 9.24 2.51
CA ILE B 211 14.56 8.00 2.30
C ILE B 211 15.32 7.62 3.58
N SER B 212 16.06 8.58 4.16
CA SER B 212 16.84 8.22 5.37
C SER B 212 15.96 7.78 6.55
N ARG B 213 14.79 8.38 6.69
CA ARG B 213 13.80 7.99 7.71
C ARG B 213 13.17 6.60 7.49
N TRP B 214 12.67 6.40 6.28
CA TRP B 214 12.29 5.04 5.94
C TRP B 214 13.41 4.03 6.31
N GLN B 215 14.66 4.30 5.94
CA GLN B 215 15.70 3.33 6.20
C GLN B 215 15.95 3.12 7.67
N LYS B 216 15.83 4.18 8.46
CA LYS B 216 16.03 4.07 9.91
C LYS B 216 14.94 3.19 10.50
N CYS B 217 13.72 3.38 9.98
CA CYS B 217 12.59 2.61 10.44
C CYS B 217 12.81 1.12 10.20
N VAL B 218 13.28 0.77 9.00
CA VAL B 218 13.57 -0.62 8.65
C VAL B 218 14.75 -1.14 9.51
N ASP B 219 15.79 -0.32 9.62
CA ASP B 219 17.00 -0.66 10.43
C ASP B 219 16.62 -0.92 11.88
N CYS B 220 15.62 -0.19 12.35
CA CYS B 220 15.02 -0.36 13.72
C CYS B 220 13.86 -1.36 13.84
N ASN B 221 13.72 -2.15 12.80
CA ASN B 221 12.66 -3.18 12.74
C ASN B 221 11.25 -2.64 13.01
N GLY B 222 11.07 -1.36 12.70
CA GLY B 222 9.75 -0.68 12.71
C GLY B 222 9.42 -0.01 14.02
N SER B 223 10.39 -0.04 14.96
CA SER B 223 10.29 0.76 16.18
CA SER B 223 10.27 0.76 16.17
C SER B 223 10.50 2.22 15.82
N TYR B 224 10.26 3.09 16.78
CA TYR B 224 10.75 4.46 16.65
C TYR B 224 12.29 4.46 16.63
N PHE B 225 12.87 5.51 16.07
CA PHE B 225 14.29 5.50 15.77
C PHE B 225 15.02 6.71 16.30
N LEU C 1 5.71 -10.34 -23.15
CA LEU C 1 5.86 -11.86 -23.22
C LEU C 1 5.81 -12.67 -21.90
N TYR C 2 5.79 -13.98 -22.08
CA TYR C 2 5.53 -14.95 -21.04
C TYR C 2 6.69 -15.93 -20.87
N PHE C 3 6.70 -16.57 -19.72
CA PHE C 3 7.79 -17.47 -19.38
C PHE C 3 8.00 -18.59 -20.39
N ALA C 4 9.24 -18.61 -20.92
CA ALA C 4 9.84 -19.78 -21.51
C ALA C 4 9.40 -21.03 -20.74
MG MG D . -5.90 -15.61 1.51
MG MG E . -2.14 14.58 11.92
#